data_9K1J
#
_entry.id   9K1J
#
_cell.length_a   72.884
_cell.length_b   54.235
_cell.length_c   87.853
_cell.angle_alpha   90.00
_cell.angle_beta   107.82
_cell.angle_gamma   90.00
#
_symmetry.space_group_name_H-M   'P 1 21 1'
#
loop_
_entity.id
_entity.type
_entity.pdbx_description
1 polymer 'Organic hydroperoxide resistance protein'
2 non-polymer 6-fluoranyl-1,2-benzothiazol-3-one
3 water water
#
_entity_poly.entity_id   1
_entity_poly.type   'polypeptide(L)'
_entity_poly.pdbx_seq_one_letter_code
;MSTLYSTQVKAVGGRSGTIRSEDGILELKLALPKELGGKGDATNPEQLFAAGYAACFGNAVIHVTRSNKEYKIRDNDVEV
LSTVGIVANGNGGFALTVHLDVTLSGISQADAEKIVEQTHQVCPYSNAIRGNIQVSTTVYTK
;
_entity_poly.pdbx_strand_id   B,A,C,D
#
loop_
_chem_comp.id
_chem_comp.type
_chem_comp.name
_chem_comp.formula
A1EEB non-polymer 6-fluoranyl-1,2-benzothiazol-3-one 'C7 H4 F N O S'
#
# COMPACT_ATOMS: atom_id res chain seq x y z
N MET A 1 -11.03 -5.37 5.02
CA MET A 1 -9.66 -5.14 4.58
C MET A 1 -8.71 -5.04 5.77
N SER A 2 -7.48 -5.49 5.60
CA SER A 2 -6.49 -5.34 6.65
C SER A 2 -5.88 -3.93 6.66
N THR A 3 -5.57 -3.46 7.85
CA THR A 3 -4.92 -2.16 8.00
C THR A 3 -3.53 -2.14 7.34
N LEU A 4 -3.31 -1.13 6.49
CA LEU A 4 -2.04 -0.98 5.78
C LEU A 4 -0.94 -0.37 6.66
N TYR A 5 -1.31 0.53 7.58
CA TYR A 5 -0.34 1.17 8.45
C TYR A 5 -1.06 1.76 9.66
N SER A 6 -0.43 1.63 10.83
CA SER A 6 -1.00 2.05 12.09
C SER A 6 0.07 2.77 12.87
N THR A 7 -0.30 3.81 13.61
CA THR A 7 0.66 4.54 14.41
C THR A 7 0.00 5.00 15.70
N GLN A 8 0.82 5.22 16.72
CA GLN A 8 0.33 5.63 18.02
C GLN A 8 0.96 6.95 18.43
N VAL A 9 0.18 7.83 19.05
CA VAL A 9 0.67 9.11 19.52
C VAL A 9 0.09 9.36 20.90
N LYS A 10 0.96 9.70 21.86
CA LYS A 10 0.57 9.96 23.23
C LYS A 10 0.54 11.47 23.45
N ALA A 11 -0.60 11.99 23.90
CA ALA A 11 -0.75 13.40 24.21
C ALA A 11 -1.06 13.56 25.70
N VAL A 12 -0.28 14.41 26.38
CA VAL A 12 -0.41 14.66 27.81
C VAL A 12 -0.70 16.13 28.06
N GLY A 13 -1.76 16.40 28.83
CA GLY A 13 -2.01 17.75 29.31
C GLY A 13 -2.76 18.67 28.37
N GLY A 14 -3.48 18.10 27.40
CA GLY A 14 -4.36 18.91 26.55
C GLY A 14 -3.63 19.94 25.70
N ARG A 15 -4.31 21.06 25.48
CA ARG A 15 -3.81 22.06 24.54
C ARG A 15 -2.61 22.84 25.05
N SER A 16 -2.25 22.71 26.34
CA SER A 16 -1.02 23.29 26.86
C SER A 16 0.06 22.26 27.13
N GLY A 17 -0.10 21.02 26.67
CA GLY A 17 0.81 19.95 27.00
C GLY A 17 1.77 19.53 25.91
N THR A 18 1.85 18.23 25.63
CA THR A 18 2.84 17.68 24.71
C THR A 18 2.22 16.54 23.91
N ILE A 19 2.83 16.26 22.74
CA ILE A 19 2.51 15.06 21.96
C ILE A 19 3.82 14.37 21.62
N ARG A 20 3.75 13.05 21.50
CA ARG A 20 4.93 12.29 21.08
C ARG A 20 4.48 10.95 20.52
N SER A 21 4.93 10.63 19.31
CA SER A 21 4.62 9.33 18.75
C SER A 21 5.44 8.25 19.47
N GLU A 22 4.90 7.04 19.48
CA GLU A 22 5.57 5.96 20.19
C GLU A 22 6.86 5.53 19.51
N ASP A 23 7.07 5.91 18.24
CA ASP A 23 8.31 5.67 17.52
C ASP A 23 9.30 6.82 17.65
N GLY A 24 8.96 7.86 18.40
CA GLY A 24 9.83 9.01 18.61
C GLY A 24 9.89 10.01 17.47
N ILE A 25 9.37 9.67 16.28
CA ILE A 25 9.59 10.51 15.11
C ILE A 25 8.92 11.88 15.27
N LEU A 26 7.67 11.91 15.74
CA LEU A 26 6.98 13.19 15.97
C LEU A 26 6.91 13.46 17.47
N GLU A 27 7.47 14.59 17.90
CA GLU A 27 7.56 14.93 19.31
C GLU A 27 7.52 16.44 19.42
N LEU A 28 6.46 16.98 20.00
CA LEU A 28 6.24 18.42 19.91
C LEU A 28 5.56 18.89 21.17
N LYS A 29 5.75 20.15 21.48
CA LYS A 29 4.96 20.77 22.52
C LYS A 29 3.88 21.66 21.89
N LEU A 30 2.79 21.88 22.64
CA LEU A 30 1.62 22.59 22.16
C LEU A 30 1.35 23.82 23.02
N ALA A 31 0.73 24.81 22.42
CA ALA A 31 0.35 26.01 23.14
C ALA A 31 -0.97 26.51 22.57
N LEU A 32 -1.84 26.99 23.44
CA LEU A 32 -2.98 27.78 23.00
C LEU A 32 -2.46 28.97 22.20
N PRO A 33 -3.02 29.26 21.02
CA PRO A 33 -2.65 30.49 20.31
C PRO A 33 -3.18 31.70 21.09
N LYS A 34 -2.62 32.89 20.79
CA LYS A 34 -3.05 34.09 21.54
C LYS A 34 -4.55 34.34 21.41
N GLU A 35 -5.13 34.04 20.24
CA GLU A 35 -6.56 34.28 20.05
C GLU A 35 -7.41 33.50 21.06
N LEU A 36 -6.89 32.42 21.62
CA LEU A 36 -7.56 31.66 22.65
C LEU A 36 -6.90 31.84 24.02
N GLY A 37 -6.20 32.94 24.23
CA GLY A 37 -5.66 33.27 25.53
C GLY A 37 -4.33 32.63 25.87
N GLY A 38 -3.52 32.30 24.88
CA GLY A 38 -2.20 31.73 25.11
C GLY A 38 -1.08 32.57 24.54
N LYS A 39 0.12 31.98 24.41
CA LYS A 39 1.26 32.69 23.84
C LYS A 39 1.46 32.42 22.34
N GLY A 40 1.06 31.26 21.83
CA GLY A 40 1.36 30.93 20.44
C GLY A 40 2.76 30.43 20.23
N ASP A 41 3.39 29.97 21.31
CA ASP A 41 4.74 29.39 21.35
C ASP A 41 4.97 28.31 20.33
N ALA A 42 3.90 27.66 19.90
CA ALA A 42 3.97 26.25 19.59
C ALA A 42 2.68 25.87 18.89
N THR A 43 2.68 24.68 18.30
CA THR A 43 1.57 24.29 17.46
C THR A 43 0.38 23.90 18.34
N ASN A 44 -0.66 23.37 17.69
CA ASN A 44 -1.96 23.19 18.31
C ASN A 44 -2.76 22.21 17.46
N PRO A 45 -3.86 21.66 17.99
CA PRO A 45 -4.60 20.61 17.27
C PRO A 45 -5.12 21.01 15.89
N GLU A 46 -5.49 22.27 15.70
CA GLU A 46 -6.02 22.71 14.39
C GLU A 46 -4.91 22.77 13.36
N GLN A 47 -3.74 23.27 13.76
CA GLN A 47 -2.57 23.31 12.89
C GLN A 47 -2.10 21.89 12.52
N LEU A 48 -2.14 20.96 13.48
CA LEU A 48 -1.75 19.59 13.19
C LEU A 48 -2.76 18.90 12.27
N PHE A 49 -4.07 19.07 12.53
CA PHE A 49 -5.10 18.58 11.59
C PHE A 49 -4.92 19.20 10.20
N ALA A 50 -4.73 20.52 10.13
CA ALA A 50 -4.58 21.19 8.84
C ALA A 50 -3.42 20.59 8.06
N ALA A 51 -2.29 20.35 8.75
CA ALA A 51 -1.11 19.83 8.09
C ALA A 51 -1.35 18.42 7.57
N GLY A 52 -1.94 17.56 8.42
CA GLY A 52 -2.16 16.19 7.98
C GLY A 52 -3.13 16.14 6.81
N TYR A 53 -4.13 16.99 6.82
CA TYR A 53 -5.11 16.92 5.73
C TYR A 53 -4.60 17.54 4.45
N ALA A 54 -3.89 18.65 4.54
CA ALA A 54 -3.29 19.21 3.34
C ALA A 54 -2.32 18.21 2.69
N ALA A 55 -1.54 17.48 3.51
CA ALA A 55 -0.53 16.59 2.94
C ALA A 55 -1.16 15.32 2.37
N CYS A 56 -2.14 14.75 3.09
CA CYS A 56 -2.83 13.57 2.57
C CYS A 56 -3.60 13.89 1.31
N PHE A 57 -4.28 15.03 1.28
CA PHE A 57 -5.06 15.41 0.10
C PHE A 57 -4.15 15.68 -1.10
N GLY A 58 -3.04 16.41 -0.90
CA GLY A 58 -2.10 16.56 -2.00
C GLY A 58 -1.60 15.23 -2.54
N ASN A 59 -1.34 14.29 -1.64
CA ASN A 59 -0.85 12.98 -2.08
C ASN A 59 -1.91 12.27 -2.92
N ALA A 60 -3.17 12.31 -2.46
CA ALA A 60 -4.23 11.72 -3.27
C ALA A 60 -4.38 12.45 -4.61
N VAL A 61 -4.18 13.77 -4.66
CA VAL A 61 -4.27 14.48 -5.96
C VAL A 61 -3.23 13.89 -6.91
N ILE A 62 -2.01 13.67 -6.40
CA ILE A 62 -0.95 13.07 -7.21
C ILE A 62 -1.38 11.70 -7.71
N HIS A 63 -1.88 10.87 -6.80
CA HIS A 63 -2.29 9.52 -7.18
C HIS A 63 -3.37 9.55 -8.27
N VAL A 64 -4.41 10.38 -8.09
CA VAL A 64 -5.47 10.48 -9.08
C VAL A 64 -4.96 10.99 -10.42
N THR A 65 -4.09 12.01 -10.39
CA THR A 65 -3.55 12.52 -11.63
C THR A 65 -2.84 11.40 -12.37
N ARG A 66 -2.04 10.64 -11.63
CA ARG A 66 -1.25 9.57 -12.23
C ARG A 66 -2.12 8.42 -12.72
N SER A 67 -3.23 8.14 -12.03
CA SER A 67 -4.08 7.02 -12.46
C SER A 67 -4.99 7.43 -13.62
N ASN A 68 -5.19 8.72 -13.84
CA ASN A 68 -5.94 9.15 -15.01
C ASN A 68 -5.10 9.06 -16.28
N LYS A 69 -3.78 8.90 -16.16
CA LYS A 69 -2.81 8.55 -17.20
C LYS A 69 -2.50 9.64 -18.23
N GLU A 70 -3.01 10.86 -18.06
CA GLU A 70 -2.80 11.82 -19.14
C GLU A 70 -1.51 12.60 -18.89
N TYR A 71 -1.39 13.21 -17.72
CA TYR A 71 -0.38 14.22 -17.45
C TYR A 71 0.93 13.63 -16.92
N LYS A 72 2.04 14.30 -17.25
CA LYS A 72 3.33 14.03 -16.62
C LYS A 72 3.51 15.01 -15.48
N ILE A 73 3.51 14.53 -14.25
CA ILE A 73 3.76 15.45 -13.15
C ILE A 73 4.83 14.86 -12.24
N ARG A 74 5.54 15.74 -11.56
CA ARG A 74 6.29 15.38 -10.39
C ARG A 74 5.52 15.78 -9.14
N ASP A 75 5.91 15.15 -8.02
CA ASP A 75 5.24 15.36 -6.73
C ASP A 75 5.06 16.84 -6.40
N ASN A 76 6.09 17.63 -6.58
CA ASN A 76 6.01 19.03 -6.16
C ASN A 76 5.15 19.89 -7.08
N ASP A 77 4.52 19.33 -8.12
CA ASP A 77 3.54 20.09 -8.90
C ASP A 77 2.18 20.20 -8.22
N VAL A 78 2.01 19.63 -7.03
CA VAL A 78 0.75 19.69 -6.32
C VAL A 78 0.99 20.43 -5.01
N GLU A 79 0.16 21.42 -4.74
CA GLU A 79 0.22 22.16 -3.50
C GLU A 79 -1.17 22.25 -2.90
N VAL A 80 -1.28 22.05 -1.58
CA VAL A 80 -2.53 22.21 -0.86
C VAL A 80 -2.32 23.15 0.31
N LEU A 81 -3.12 24.22 0.36
CA LEU A 81 -3.14 25.16 1.45
C LEU A 81 -4.46 24.96 2.17
N SER A 82 -4.42 24.39 3.37
CA SER A 82 -5.64 24.19 4.14
C SER A 82 -5.82 25.30 5.15
N THR A 83 -7.07 25.72 5.34
CA THR A 83 -7.45 26.67 6.37
C THR A 83 -8.36 25.93 7.32
N VAL A 84 -7.97 25.81 8.57
CA VAL A 84 -8.79 25.14 9.58
C VAL A 84 -9.14 26.15 10.65
N GLY A 85 -10.41 26.22 11.00
CA GLY A 85 -10.84 27.10 12.05
C GLY A 85 -11.68 26.35 13.09
N ILE A 86 -11.87 26.97 14.24
CA ILE A 86 -12.72 26.43 15.30
C ILE A 86 -13.77 27.48 15.61
N VAL A 87 -15.04 27.09 15.55
CA VAL A 87 -16.18 27.99 15.68
C VAL A 87 -17.04 27.52 16.85
N ALA A 88 -17.84 28.44 17.39
CA ALA A 88 -18.83 28.07 18.40
C ALA A 88 -20.03 27.39 17.73
N ASN A 89 -20.39 26.19 18.19
CA ASN A 89 -21.69 25.64 17.82
C ASN A 89 -22.58 25.49 19.05
N GLY A 90 -23.86 25.23 18.76
CA GLY A 90 -24.85 24.76 19.70
C GLY A 90 -24.94 25.60 20.96
N ASN A 91 -24.44 25.03 22.04
CA ASN A 91 -24.62 25.57 23.38
C ASN A 91 -23.27 25.70 24.09
N GLY A 92 -22.45 26.62 23.60
CA GLY A 92 -21.10 26.77 24.11
C GLY A 92 -20.14 25.72 23.60
N GLY A 93 -20.56 24.91 22.62
CA GLY A 93 -19.70 23.90 22.05
C GLY A 93 -18.86 24.44 20.93
N PHE A 94 -18.08 23.56 20.31
CA PHE A 94 -17.15 23.98 19.28
C PHE A 94 -17.12 23.00 18.12
N ALA A 95 -16.98 23.52 16.91
CA ALA A 95 -16.88 22.72 15.70
C ALA A 95 -15.67 23.18 14.88
N LEU A 96 -15.23 22.33 13.95
CA LEU A 96 -14.15 22.65 13.04
C LEU A 96 -14.71 23.09 11.69
N THR A 97 -13.98 23.97 11.02
CA THR A 97 -14.24 24.31 9.62
C THR A 97 -12.97 24.08 8.82
N VAL A 98 -13.13 23.73 7.54
CA VAL A 98 -11.99 23.45 6.67
C VAL A 98 -12.26 24.05 5.29
N HIS A 99 -11.31 24.81 4.78
CA HIS A 99 -11.28 25.20 3.40
C HIS A 99 -9.98 24.72 2.78
N LEU A 100 -10.02 24.21 1.53
CA LEU A 100 -8.82 23.75 0.82
C LEU A 100 -8.60 24.58 -0.44
N ASP A 101 -7.41 25.19 -0.57
CA ASP A 101 -6.96 25.79 -1.83
C ASP A 101 -5.99 24.80 -2.48
N VAL A 102 -6.36 24.24 -3.62
CA VAL A 102 -5.53 23.26 -4.30
C VAL A 102 -4.99 23.87 -5.58
N THR A 103 -3.66 23.85 -5.72
CA THR A 103 -2.96 24.43 -6.86
C THR A 103 -2.19 23.32 -7.58
N LEU A 104 -2.53 23.08 -8.85
CA LEU A 104 -1.85 22.11 -9.70
C LEU A 104 -1.06 22.86 -10.77
N SER A 105 0.20 22.50 -10.94
CA SER A 105 1.04 23.11 -11.95
C SER A 105 0.98 22.28 -13.22
N GLY A 106 0.75 22.95 -14.34
CA GLY A 106 0.93 22.29 -15.62
C GLY A 106 -0.26 21.48 -16.09
N ILE A 107 -1.46 21.70 -15.55
CA ILE A 107 -2.59 21.00 -16.13
C ILE A 107 -3.69 22.05 -16.35
N SER A 108 -4.64 21.69 -17.21
CA SER A 108 -5.69 22.63 -17.58
C SER A 108 -6.72 22.78 -16.47
N GLN A 109 -7.46 23.88 -16.51
CA GLN A 109 -8.32 24.21 -15.37
C GLN A 109 -9.43 23.18 -15.22
N ALA A 110 -10.06 22.78 -16.33
CA ALA A 110 -11.15 21.81 -16.22
C ALA A 110 -10.62 20.45 -15.74
N ASP A 111 -9.46 20.03 -16.25
CA ASP A 111 -8.88 18.76 -15.81
C ASP A 111 -8.55 18.80 -14.32
N ALA A 112 -7.96 19.91 -13.85
CA ALA A 112 -7.65 20.07 -12.45
C ALA A 112 -8.90 19.99 -11.57
N GLU A 113 -9.99 20.61 -12.02
CA GLU A 113 -11.23 20.53 -11.25
C GLU A 113 -11.77 19.09 -11.18
N LYS A 114 -11.73 18.36 -12.30
CA LYS A 114 -12.12 16.95 -12.27
C LYS A 114 -11.21 16.11 -11.35
N ILE A 115 -9.90 16.31 -11.42
CA ILE A 115 -8.99 15.59 -10.53
C ILE A 115 -9.32 15.86 -9.07
N VAL A 116 -9.56 17.13 -8.70
CA VAL A 116 -9.78 17.46 -7.29
C VAL A 116 -11.12 16.86 -6.81
N GLU A 117 -12.13 16.87 -7.67
CA GLU A 117 -13.41 16.26 -7.31
C GLU A 117 -13.26 14.76 -7.08
N GLN A 118 -12.50 14.09 -7.96
CA GLN A 118 -12.22 12.67 -7.73
C GLN A 118 -11.40 12.43 -6.46
N THR A 119 -10.46 13.32 -6.12
N THR A 119 -10.46 13.31 -6.14
CA THR A 119 -9.64 12.99 -4.95
CA THR A 119 -9.62 13.04 -4.98
C THR A 119 -10.42 13.13 -3.66
C THR A 119 -10.39 13.17 -3.67
N HIS A 120 -11.48 13.94 -3.64
CA HIS A 120 -12.30 13.93 -2.41
C HIS A 120 -12.90 12.55 -2.10
N GLN A 121 -13.01 11.66 -3.09
CA GLN A 121 -13.49 10.28 -2.87
C GLN A 121 -12.38 9.36 -2.36
N VAL A 122 -11.12 9.72 -2.62
CA VAL A 122 -9.97 8.87 -2.28
C VAL A 122 -9.42 9.19 -0.89
N CYS A 123 -9.24 10.48 -0.61
CA CYS A 123 -8.52 10.93 0.58
C CYS A 123 -9.25 10.51 1.85
N PRO A 124 -8.59 9.84 2.79
CA PRO A 124 -9.32 9.32 3.95
C PRO A 124 -9.76 10.41 4.94
N TYR A 125 -9.11 11.58 4.97
CA TYR A 125 -9.64 12.68 5.78
C TYR A 125 -10.96 13.22 5.24
N SER A 126 -11.05 13.40 3.91
CA SER A 126 -12.33 13.79 3.33
C SER A 126 -13.41 12.77 3.64
N ASN A 127 -13.11 11.48 3.45
CA ASN A 127 -14.07 10.44 3.82
C ASN A 127 -14.38 10.47 5.29
N ALA A 128 -13.43 10.88 6.13
CA ALA A 128 -13.63 10.85 7.57
C ALA A 128 -14.64 11.90 8.02
N ILE A 129 -14.60 13.08 7.41
CA ILE A 129 -15.37 14.21 7.93
C ILE A 129 -16.62 14.53 7.08
N ARG A 130 -16.93 13.71 6.09
CA ARG A 130 -18.04 14.03 5.20
C ARG A 130 -19.37 14.11 5.95
N GLY A 131 -20.14 15.16 5.68
CA GLY A 131 -21.41 15.39 6.35
C GLY A 131 -21.32 16.08 7.70
N ASN A 132 -20.16 16.05 8.36
CA ASN A 132 -20.02 16.77 9.61
C ASN A 132 -19.35 18.12 9.41
N ILE A 133 -18.23 18.14 8.72
CA ILE A 133 -17.63 19.38 8.28
C ILE A 133 -17.92 19.48 6.79
N GLN A 134 -18.44 20.65 6.37
CA GLN A 134 -18.74 20.91 4.97
C GLN A 134 -17.51 21.58 4.40
N VAL A 135 -16.62 20.76 3.81
CA VAL A 135 -15.37 21.27 3.27
C VAL A 135 -15.64 22.10 2.01
N SER A 136 -15.08 23.30 1.96
CA SER A 136 -15.05 24.06 0.72
C SER A 136 -13.67 23.93 0.07
N THR A 137 -13.62 24.01 -1.26
CA THR A 137 -12.42 23.75 -2.04
C THR A 137 -12.36 24.74 -3.21
N THR A 138 -11.19 25.35 -3.41
CA THR A 138 -10.94 26.15 -4.60
C THR A 138 -9.71 25.61 -5.32
N VAL A 139 -9.79 25.51 -6.65
CA VAL A 139 -8.81 24.84 -7.48
C VAL A 139 -8.14 25.88 -8.38
N TYR A 140 -6.81 25.94 -8.32
CA TYR A 140 -6.00 26.83 -9.11
C TYR A 140 -5.02 26.02 -9.94
N THR A 141 -4.70 26.53 -11.12
CA THR A 141 -3.64 26.01 -11.96
C THR A 141 -2.65 27.14 -12.26
N LYS A 142 -1.36 26.80 -12.40
CA LYS A 142 -0.35 27.87 -12.50
C LYS A 142 0.86 27.58 -13.40
N SER B 2 -19.29 32.38 15.04
CA SER B 2 -18.12 33.05 14.44
C SER B 2 -16.82 32.33 14.76
N THR B 3 -15.82 32.53 13.89
CA THR B 3 -14.57 31.78 13.96
C THR B 3 -13.63 32.34 15.04
N LEU B 4 -13.33 31.50 16.04
CA LEU B 4 -12.54 31.94 17.19
C LEU B 4 -11.05 31.93 16.88
N TYR B 5 -10.62 31.00 16.04
CA TYR B 5 -9.22 30.84 15.70
C TYR B 5 -9.15 30.15 14.35
N SER B 6 -8.26 30.62 13.49
CA SER B 6 -8.13 30.03 12.18
C SER B 6 -6.64 29.90 11.87
N THR B 7 -6.26 28.82 11.19
CA THR B 7 -4.85 28.62 10.88
C THR B 7 -4.72 28.05 9.47
N GLN B 8 -3.60 28.34 8.81
CA GLN B 8 -3.33 27.83 7.49
C GLN B 8 -2.03 27.04 7.47
N VAL B 9 -2.03 25.91 6.77
CA VAL B 9 -0.84 25.10 6.57
C VAL B 9 -0.72 24.80 5.08
N LYS B 10 0.50 24.96 4.54
CA LYS B 10 0.79 24.66 3.14
C LYS B 10 1.51 23.31 3.03
N ALA B 11 1.00 22.42 2.19
CA ALA B 11 1.59 21.10 2.00
C ALA B 11 1.97 20.94 0.54
N VAL B 12 3.24 20.63 0.29
CA VAL B 12 3.76 20.52 -1.08
C VAL B 12 4.26 19.10 -1.28
N GLY B 13 3.77 18.43 -2.31
CA GLY B 13 4.34 17.16 -2.72
C GLY B 13 3.86 15.91 -2.01
N GLY B 14 2.72 15.97 -1.30
CA GLY B 14 2.09 14.75 -0.78
C GLY B 14 2.90 14.10 0.34
N ARG B 15 2.83 12.77 0.43
CA ARG B 15 3.35 12.09 1.62
C ARG B 15 4.87 11.97 1.66
N SER B 16 5.57 12.34 0.60
CA SER B 16 7.04 12.43 0.52
C SER B 16 7.55 13.86 0.61
N GLY B 17 6.70 14.83 0.94
CA GLY B 17 7.02 16.23 0.76
C GLY B 17 7.10 17.02 2.04
N THR B 18 6.46 18.17 2.09
CA THR B 18 6.67 19.08 3.22
C THR B 18 5.36 19.72 3.68
N ILE B 19 5.34 20.14 4.95
CA ILE B 19 4.27 20.98 5.48
C ILE B 19 4.91 22.18 6.13
N ARG B 20 4.21 23.31 6.07
CA ARG B 20 4.69 24.52 6.74
C ARG B 20 3.48 25.38 7.07
N SER B 21 3.21 25.57 8.35
CA SER B 21 2.16 26.50 8.71
C SER B 21 2.58 27.91 8.31
N GLU B 22 1.58 28.73 7.98
CA GLU B 22 1.91 30.05 7.45
C GLU B 22 2.68 30.90 8.45
N ASP B 23 2.38 30.74 9.74
CA ASP B 23 3.10 31.47 10.78
C ASP B 23 4.45 30.83 11.15
N GLY B 24 4.89 29.80 10.43
CA GLY B 24 6.20 29.22 10.63
C GLY B 24 6.34 28.29 11.82
N ILE B 25 5.33 28.18 12.67
CA ILE B 25 5.49 27.45 13.92
C ILE B 25 5.58 25.94 13.69
N LEU B 26 4.86 25.42 12.71
CA LEU B 26 4.90 23.99 12.40
C LEU B 26 5.56 23.84 11.02
N GLU B 27 6.75 23.24 11.00
CA GLU B 27 7.46 23.08 9.73
C GLU B 27 8.17 21.73 9.72
N LEU B 28 7.71 20.83 8.86
CA LEU B 28 8.14 19.44 8.98
C LEU B 28 8.26 18.80 7.61
N LYS B 29 9.26 17.92 7.51
CA LYS B 29 9.38 16.98 6.40
C LYS B 29 8.48 15.77 6.65
N LEU B 30 8.01 15.15 5.58
CA LEU B 30 7.17 13.96 5.68
C LEU B 30 7.80 12.81 4.93
N ALA B 31 7.54 11.59 5.40
CA ALA B 31 7.99 10.41 4.69
C ALA B 31 6.94 9.31 4.77
N LEU B 32 6.97 8.46 3.75
CA LEU B 32 6.22 7.21 3.78
C LEU B 32 6.81 6.31 4.84
N PRO B 33 5.99 5.62 5.64
CA PRO B 33 6.54 4.72 6.67
C PRO B 33 7.17 3.49 6.04
N LYS B 34 7.96 2.79 6.86
CA LYS B 34 8.64 1.60 6.38
C LYS B 34 7.66 0.51 5.94
N GLU B 35 6.54 0.36 6.67
CA GLU B 35 5.50 -0.60 6.25
C GLU B 35 5.03 -0.38 4.82
N LEU B 36 5.03 0.87 4.35
CA LEU B 36 4.69 1.16 2.96
C LEU B 36 5.92 1.26 2.06
N GLY B 37 7.07 0.80 2.52
CA GLY B 37 8.25 0.78 1.68
C GLY B 37 9.09 2.03 1.70
N GLY B 38 8.73 3.03 2.50
CA GLY B 38 9.52 4.24 2.65
C GLY B 38 10.60 4.08 3.71
N LYS B 39 11.28 5.19 3.97
CA LYS B 39 12.34 5.14 4.97
C LYS B 39 11.85 5.44 6.38
N GLY B 40 10.70 6.09 6.54
CA GLY B 40 10.15 6.25 7.88
C GLY B 40 10.99 7.15 8.76
N ASP B 41 11.71 8.07 8.15
CA ASP B 41 12.58 8.99 8.88
C ASP B 41 11.93 10.37 9.14
N ALA B 42 10.60 10.47 8.95
CA ALA B 42 9.84 11.69 9.19
C ALA B 42 8.38 11.31 9.41
N THR B 43 7.60 12.27 9.88
CA THR B 43 6.19 12.03 10.24
C THR B 43 5.31 11.89 9.00
N ASN B 44 4.00 11.76 9.23
CA ASN B 44 3.05 11.39 8.18
C ASN B 44 1.64 11.82 8.57
N PRO B 45 0.72 11.89 7.62
CA PRO B 45 -0.65 12.36 7.94
C PRO B 45 -1.34 11.64 9.09
N GLU B 46 -1.18 10.33 9.18
CA GLU B 46 -1.83 9.60 10.27
C GLU B 46 -1.27 9.99 11.62
N GLN B 47 0.04 10.20 11.72
CA GLN B 47 0.62 10.64 12.99
C GLN B 47 0.18 12.04 13.37
N LEU B 48 0.13 12.94 12.38
CA LEU B 48 -0.31 14.31 12.65
C LEU B 48 -1.77 14.33 13.13
N PHE B 49 -2.61 13.49 12.52
CA PHE B 49 -4.00 13.39 12.92
C PHE B 49 -4.13 12.76 14.30
N ALA B 50 -3.45 11.63 14.52
CA ALA B 50 -3.43 11.01 15.85
C ALA B 50 -3.04 12.03 16.92
N ALA B 51 -2.05 12.89 16.63
CA ALA B 51 -1.60 13.87 17.61
C ALA B 51 -2.63 14.97 17.85
N GLY B 52 -3.14 15.57 16.77
CA GLY B 52 -4.18 16.57 16.92
C GLY B 52 -5.37 16.05 17.71
N TYR B 53 -5.81 14.83 17.42
CA TYR B 53 -7.00 14.33 18.09
C TYR B 53 -6.73 13.91 19.52
N ALA B 54 -5.58 13.28 19.80
CA ALA B 54 -5.27 12.95 21.19
C ALA B 54 -5.19 14.23 22.03
N ALA B 55 -4.55 15.28 21.50
CA ALA B 55 -4.41 16.53 22.24
C ALA B 55 -5.76 17.22 22.44
N CYS B 56 -6.56 17.33 21.37
CA CYS B 56 -7.85 17.99 21.54
C CYS B 56 -8.74 17.22 22.50
N PHE B 57 -8.73 15.89 22.40
CA PHE B 57 -9.59 15.09 23.26
C PHE B 57 -9.15 15.20 24.71
N GLY B 58 -7.84 15.10 24.97
CA GLY B 58 -7.36 15.27 26.32
C GLY B 58 -7.74 16.62 26.90
N ASN B 59 -7.64 17.67 26.08
CA ASN B 59 -8.02 19.00 26.54
C ASN B 59 -9.51 19.05 26.91
N ALA B 60 -10.36 18.46 26.07
CA ALA B 60 -11.78 18.49 26.36
C ALA B 60 -12.10 17.65 27.60
N VAL B 61 -11.35 16.56 27.83
CA VAL B 61 -11.52 15.79 29.05
C VAL B 61 -11.22 16.67 30.25
N ILE B 62 -10.15 17.46 30.17
CA ILE B 62 -9.83 18.38 31.27
C ILE B 62 -11.02 19.30 31.54
N HIS B 63 -11.55 19.89 30.47
CA HIS B 63 -12.66 20.84 30.63
C HIS B 63 -13.91 20.16 31.21
N VAL B 64 -14.19 18.90 30.83
CA VAL B 64 -15.39 18.22 31.36
C VAL B 64 -15.21 17.86 32.82
N THR B 65 -13.99 17.42 33.19
CA THR B 65 -13.71 17.04 34.58
C THR B 65 -13.83 18.23 35.51
N ARG B 66 -13.23 19.36 35.13
CA ARG B 66 -13.66 20.64 35.68
C ARG B 66 -15.09 20.90 35.20
N SER B 67 -15.81 21.78 35.88
CA SER B 67 -17.23 22.02 35.58
C SER B 67 -18.13 20.87 36.06
N ASN B 68 -17.75 19.59 35.85
CA ASN B 68 -18.43 18.58 36.69
C ASN B 68 -18.21 18.89 38.17
N LYS B 69 -17.08 19.52 38.50
CA LYS B 69 -16.83 20.17 39.79
C LYS B 69 -16.84 19.19 40.95
N GLU B 70 -16.49 17.93 40.68
CA GLU B 70 -16.28 16.96 41.75
C GLU B 70 -14.82 16.74 42.07
N TYR B 71 -13.92 16.95 41.12
CA TYR B 71 -12.52 16.57 41.24
C TYR B 71 -11.60 17.77 40.98
N LYS B 72 -10.47 17.80 41.69
CA LYS B 72 -9.46 18.85 41.54
C LYS B 72 -8.22 18.25 40.89
N ILE B 73 -8.21 18.34 39.57
CA ILE B 73 -7.28 17.72 38.64
C ILE B 73 -6.36 18.78 38.03
N ARG B 74 -5.13 18.38 37.76
CA ARG B 74 -4.22 19.18 36.95
C ARG B 74 -3.92 18.55 35.59
N ASP B 75 -3.54 19.43 34.65
CA ASP B 75 -3.43 19.12 33.23
C ASP B 75 -2.83 17.74 32.99
N ASN B 76 -1.67 17.50 33.57
CA ASN B 76 -0.95 16.27 33.26
C ASN B 76 -1.57 15.03 33.92
N ASP B 77 -2.71 15.16 34.60
CA ASP B 77 -3.43 13.99 35.07
C ASP B 77 -4.27 13.35 33.96
N VAL B 78 -4.14 13.82 32.72
CA VAL B 78 -4.87 13.31 31.57
C VAL B 78 -3.87 12.93 30.49
N GLU B 79 -3.88 11.67 30.11
CA GLU B 79 -3.12 11.19 28.99
C GLU B 79 -4.07 10.57 27.99
N VAL B 80 -3.87 10.85 26.71
CA VAL B 80 -4.61 10.18 25.63
C VAL B 80 -3.60 9.56 24.70
N LEU B 81 -3.74 8.27 24.47
CA LEU B 81 -2.94 7.53 23.50
C LEU B 81 -3.89 7.21 22.35
N SER B 82 -3.65 7.82 21.20
CA SER B 82 -4.44 7.54 20.03
C SER B 82 -3.70 6.55 19.13
N THR B 83 -4.43 5.58 18.59
CA THR B 83 -3.97 4.68 17.55
C THR B 83 -4.78 5.00 16.31
N VAL B 84 -4.11 5.43 15.25
CA VAL B 84 -4.75 5.79 13.99
C VAL B 84 -4.17 4.90 12.90
N GLY B 85 -5.06 4.25 12.15
CA GLY B 85 -4.65 3.42 11.04
C GLY B 85 -5.31 3.83 9.74
N ILE B 86 -4.74 3.42 8.61
CA ILE B 86 -5.29 3.71 7.29
C ILE B 86 -5.56 2.40 6.58
N VAL B 87 -6.75 2.27 5.99
CA VAL B 87 -7.22 1.05 5.35
C VAL B 87 -7.96 1.41 4.07
N ALA B 88 -7.91 0.52 3.08
CA ALA B 88 -8.75 0.72 1.89
C ALA B 88 -10.21 0.51 2.24
N ASN B 89 -11.08 1.36 1.67
CA ASN B 89 -12.49 1.37 2.10
C ASN B 89 -13.40 0.49 1.26
N GLY B 90 -12.86 -0.30 0.33
CA GLY B 90 -13.67 -1.11 -0.53
C GLY B 90 -14.36 -0.38 -1.67
N ASN B 91 -14.12 0.93 -1.83
CA ASN B 91 -14.75 1.76 -2.86
C ASN B 91 -13.71 2.66 -3.53
N GLY B 92 -12.52 2.13 -3.79
CA GLY B 92 -11.49 2.86 -4.51
C GLY B 92 -10.86 4.01 -3.75
N GLY B 93 -10.90 4.00 -2.42
CA GLY B 93 -10.32 5.06 -1.63
C GLY B 93 -9.89 4.53 -0.28
N PHE B 94 -9.56 5.40 0.68
CA PHE B 94 -9.08 4.96 1.98
C PHE B 94 -9.90 5.57 3.10
N ALA B 95 -9.89 4.91 4.25
CA ALA B 95 -10.53 5.35 5.48
C ALA B 95 -9.50 5.31 6.62
N LEU B 96 -9.74 6.13 7.64
CA LEU B 96 -8.99 6.03 8.88
C LEU B 96 -9.74 5.15 9.87
N THR B 97 -8.99 4.46 10.72
CA THR B 97 -9.49 3.85 11.95
C THR B 97 -8.88 4.58 13.15
N VAL B 98 -9.65 4.70 14.24
CA VAL B 98 -9.17 5.43 15.42
C VAL B 98 -9.52 4.63 16.68
N HIS B 99 -8.55 4.45 17.55
CA HIS B 99 -8.76 3.95 18.91
C HIS B 99 -8.14 4.92 19.88
N LEU B 100 -8.81 5.17 21.00
CA LEU B 100 -8.28 6.03 22.05
C LEU B 100 -8.17 5.24 23.36
N ASP B 101 -6.96 5.19 23.94
CA ASP B 101 -6.77 4.80 25.33
C ASP B 101 -6.66 6.08 26.15
N VAL B 102 -7.60 6.30 27.06
CA VAL B 102 -7.64 7.51 27.87
C VAL B 102 -7.32 7.14 29.32
N THR B 103 -6.30 7.77 29.88
CA THR B 103 -5.89 7.50 31.26
C THR B 103 -6.04 8.75 32.08
N LEU B 104 -6.84 8.67 33.13
CA LEU B 104 -7.07 9.77 34.06
C LEU B 104 -6.48 9.41 35.42
N SER B 105 -5.68 10.30 35.99
CA SER B 105 -5.08 10.07 37.29
C SER B 105 -5.98 10.62 38.39
N GLY B 106 -6.18 9.81 39.43
CA GLY B 106 -6.81 10.28 40.64
C GLY B 106 -8.33 10.35 40.64
N ILE B 107 -9.02 9.63 39.74
CA ILE B 107 -10.48 9.58 39.88
C ILE B 107 -10.92 8.13 39.71
N SER B 108 -12.13 7.84 40.18
CA SER B 108 -12.58 6.46 40.17
C SER B 108 -12.88 6.01 38.74
N GLN B 109 -12.95 4.69 38.57
CA GLN B 109 -13.13 4.12 37.23
C GLN B 109 -14.48 4.54 36.66
N ALA B 110 -15.55 4.44 37.47
CA ALA B 110 -16.88 4.83 37.01
C ALA B 110 -16.94 6.29 36.61
N ASP B 111 -16.41 7.19 37.43
CA ASP B 111 -16.45 8.60 37.06
C ASP B 111 -15.62 8.86 35.80
N ALA B 112 -14.44 8.23 35.69
CA ALA B 112 -13.60 8.42 34.50
C ALA B 112 -14.34 8.03 33.23
N GLU B 113 -15.04 6.89 33.28
CA GLU B 113 -15.81 6.43 32.11
C GLU B 113 -16.94 7.40 31.77
N LYS B 114 -17.63 7.90 32.79
CA LYS B 114 -18.69 8.87 32.51
C LYS B 114 -18.14 10.17 31.91
N ILE B 115 -16.99 10.63 32.41
CA ILE B 115 -16.34 11.82 31.87
C ILE B 115 -15.92 11.61 30.41
N VAL B 116 -15.32 10.47 30.10
CA VAL B 116 -14.91 10.23 28.72
C VAL B 116 -16.14 10.18 27.80
N GLU B 117 -17.23 9.56 28.26
CA GLU B 117 -18.44 9.55 27.45
C GLU B 117 -18.95 10.98 27.20
N GLN B 118 -18.99 11.82 28.24
CA GLN B 118 -19.40 13.20 28.02
C GLN B 118 -18.48 13.90 27.04
N THR B 119 -17.17 13.65 27.14
CA THR B 119 -16.21 14.34 26.30
C THR B 119 -16.42 13.98 24.84
N HIS B 120 -16.79 12.73 24.56
CA HIS B 120 -16.98 12.37 23.14
C HIS B 120 -18.06 13.22 22.47
N GLN B 121 -19.00 13.77 23.25
CA GLN B 121 -20.00 14.62 22.63
C GLN B 121 -19.54 16.05 22.45
N VAL B 122 -18.43 16.42 23.09
CA VAL B 122 -17.96 17.79 23.12
C VAL B 122 -16.81 18.01 22.14
N CYS B 123 -15.95 17.02 22.00
CA CYS B 123 -14.69 17.22 21.31
C CYS B 123 -14.95 17.51 19.85
N PRO B 124 -14.39 18.60 19.30
CA PRO B 124 -14.61 18.90 17.87
C PRO B 124 -14.25 17.76 16.94
N TYR B 125 -13.17 17.03 17.24
CA TYR B 125 -12.71 16.00 16.32
C TYR B 125 -13.63 14.78 16.37
N SER B 126 -14.03 14.38 17.58
CA SER B 126 -15.02 13.33 17.71
C SER B 126 -16.28 13.65 16.91
N ASN B 127 -16.75 14.90 16.99
CA ASN B 127 -17.94 15.26 16.21
C ASN B 127 -17.63 15.32 14.71
N ALA B 128 -16.38 15.63 14.36
CA ALA B 128 -16.03 15.74 12.94
C ALA B 128 -16.10 14.38 12.23
N ILE B 129 -15.94 13.27 12.96
CA ILE B 129 -15.86 11.98 12.28
C ILE B 129 -17.06 11.08 12.53
N ARG B 130 -18.02 11.49 13.36
CA ARG B 130 -19.13 10.62 13.75
C ARG B 130 -19.97 10.23 12.53
N GLY B 131 -20.34 8.96 12.47
CA GLY B 131 -21.06 8.42 11.33
C GLY B 131 -20.20 7.97 10.16
N ASN B 132 -18.91 8.32 10.15
CA ASN B 132 -17.99 7.83 9.13
C ASN B 132 -16.95 6.88 9.70
N ILE B 133 -16.40 7.23 10.86
CA ILE B 133 -15.49 6.38 11.61
C ILE B 133 -16.15 6.07 12.95
N GLN B 134 -16.19 4.79 13.30
CA GLN B 134 -16.61 4.36 14.63
C GLN B 134 -15.37 4.32 15.54
N VAL B 135 -15.22 5.35 16.36
CA VAL B 135 -14.10 5.43 17.27
C VAL B 135 -14.33 4.44 18.41
N SER B 136 -13.27 3.74 18.80
CA SER B 136 -13.33 2.87 19.96
C SER B 136 -12.46 3.49 21.05
N THR B 137 -12.86 3.29 22.30
CA THR B 137 -12.28 3.95 23.45
C THR B 137 -12.15 2.96 24.61
N THR B 138 -11.00 2.96 25.27
CA THR B 138 -10.79 2.29 26.55
C THR B 138 -10.34 3.32 27.58
N VAL B 139 -10.92 3.23 28.78
CA VAL B 139 -10.67 4.20 29.85
C VAL B 139 -9.88 3.52 30.97
N TYR B 140 -8.79 4.17 31.40
CA TYR B 140 -7.90 3.70 32.46
C TYR B 140 -7.79 4.76 33.55
N THR B 141 -7.53 4.34 34.81
CA THR B 141 -7.46 5.31 35.92
C THR B 141 -6.18 5.39 36.76
N LYS B 142 -5.22 4.50 36.64
CA LYS B 142 -3.86 4.87 37.16
C LYS B 142 -3.78 5.28 38.65
N MET C 1 7.08 -6.68 9.73
CA MET C 1 6.14 -6.08 8.78
C MET C 1 5.06 -7.08 8.38
N SER C 2 3.83 -6.61 8.32
CA SER C 2 2.69 -7.46 7.98
C SER C 2 2.38 -7.36 6.49
N THR C 3 1.76 -8.43 5.96
CA THR C 3 1.54 -8.56 4.52
C THR C 3 0.60 -7.48 4.02
N LEU C 4 1.03 -6.78 2.95
CA LEU C 4 0.22 -5.71 2.38
C LEU C 4 -0.91 -6.26 1.51
N TYR C 5 -0.65 -7.36 0.81
CA TYR C 5 -1.64 -7.93 -0.09
C TYR C 5 -1.31 -9.40 -0.28
N SER C 6 -2.36 -10.22 -0.40
CA SER C 6 -2.21 -11.66 -0.50
C SER C 6 -3.28 -12.22 -1.44
N THR C 7 -2.88 -13.16 -2.29
CA THR C 7 -3.80 -13.73 -3.28
C THR C 7 -3.57 -15.23 -3.36
N GLN C 8 -4.61 -15.95 -3.78
CA GLN C 8 -4.56 -17.39 -3.94
C GLN C 8 -5.00 -17.78 -5.34
N VAL C 9 -4.24 -18.69 -5.95
CA VAL C 9 -4.55 -19.25 -7.27
C VAL C 9 -4.50 -20.77 -7.19
N LYS C 10 -5.56 -21.43 -7.66
CA LYS C 10 -5.60 -22.88 -7.77
C LYS C 10 -5.22 -23.31 -9.18
N ALA C 11 -4.24 -24.20 -9.27
CA ALA C 11 -3.81 -24.76 -10.54
C ALA C 11 -4.09 -26.26 -10.54
N VAL C 12 -4.87 -26.71 -11.51
CA VAL C 12 -5.24 -28.12 -11.65
C VAL C 12 -4.61 -28.67 -12.92
N GLY C 13 -3.92 -29.80 -12.78
CA GLY C 13 -3.51 -30.58 -13.94
C GLY C 13 -2.27 -30.13 -14.66
N GLY C 14 -1.35 -29.42 -13.98
CA GLY C 14 -0.05 -29.15 -14.59
C GLY C 14 -0.13 -28.22 -15.79
N ARG C 15 0.82 -28.38 -16.72
CA ARG C 15 0.97 -27.48 -17.84
C ARG C 15 -0.10 -27.63 -18.92
N SER C 16 -0.92 -28.68 -18.88
CA SER C 16 -2.04 -28.79 -19.82
C SER C 16 -3.39 -28.63 -19.13
N GLY C 17 -3.41 -28.12 -17.89
CA GLY C 17 -4.66 -27.92 -17.18
C GLY C 17 -5.13 -26.47 -17.14
N THR C 18 -5.41 -25.99 -15.93
CA THR C 18 -6.10 -24.71 -15.73
C THR C 18 -5.53 -23.98 -14.50
N ILE C 19 -5.72 -22.64 -14.47
CA ILE C 19 -5.52 -21.81 -13.27
C ILE C 19 -6.79 -21.02 -13.02
N ARG C 20 -7.05 -20.73 -11.75
CA ARG C 20 -8.16 -19.86 -11.37
C ARG C 20 -7.83 -19.17 -10.05
N SER C 21 -7.83 -17.85 -10.06
CA SER C 21 -7.62 -17.12 -8.82
C SER C 21 -8.89 -17.17 -7.98
N GLU C 22 -8.71 -17.18 -6.66
CA GLU C 22 -9.87 -17.44 -5.82
C GLU C 22 -10.90 -16.33 -5.89
N ASP C 23 -10.52 -15.12 -6.33
CA ASP C 23 -11.50 -14.07 -6.57
C ASP C 23 -12.07 -14.10 -7.98
N GLY C 24 -11.75 -15.13 -8.77
CA GLY C 24 -12.32 -15.30 -10.09
C GLY C 24 -11.77 -14.39 -11.16
N ILE C 25 -10.99 -13.37 -10.82
CA ILE C 25 -10.54 -12.39 -11.83
C ILE C 25 -9.55 -12.98 -12.83
N LEU C 26 -8.76 -13.97 -12.44
CA LEU C 26 -7.80 -14.59 -13.37
C LEU C 26 -8.17 -16.05 -13.54
N GLU C 27 -8.63 -16.42 -14.73
CA GLU C 27 -9.15 -17.77 -14.93
C GLU C 27 -8.82 -18.16 -16.37
N LEU C 28 -7.97 -19.16 -16.54
CA LEU C 28 -7.58 -19.48 -17.91
C LEU C 28 -6.96 -20.86 -18.03
N LYS C 29 -7.03 -21.36 -19.26
CA LYS C 29 -6.41 -22.61 -19.67
C LYS C 29 -4.92 -22.45 -19.89
N LEU C 30 -4.19 -23.53 -19.71
CA LEU C 30 -2.78 -23.61 -20.08
C LEU C 30 -2.59 -24.63 -21.19
N ALA C 31 -1.54 -24.43 -21.96
CA ALA C 31 -1.18 -25.42 -22.97
C ALA C 31 0.33 -25.48 -23.07
N LEU C 32 0.86 -26.68 -23.27
CA LEU C 32 2.25 -26.84 -23.65
C LEU C 32 2.52 -26.09 -24.95
N PRO C 33 3.63 -25.38 -25.08
CA PRO C 33 3.93 -24.74 -26.37
C PRO C 33 4.37 -25.78 -27.38
N LYS C 34 4.41 -25.36 -28.65
CA LYS C 34 4.83 -26.24 -29.74
C LYS C 34 6.21 -26.82 -29.50
N GLU C 35 7.10 -26.00 -28.92
CA GLU C 35 8.48 -26.42 -28.70
C GLU C 35 8.56 -27.51 -27.66
N LEU C 36 7.56 -27.61 -26.79
CA LEU C 36 7.49 -28.68 -25.80
C LEU C 36 6.48 -29.75 -26.17
N GLY C 37 5.97 -29.76 -27.42
CA GLY C 37 5.05 -30.80 -27.87
C GLY C 37 3.58 -30.55 -27.63
N GLY C 38 3.14 -29.30 -27.63
CA GLY C 38 1.74 -28.97 -27.45
C GLY C 38 1.24 -28.05 -28.53
N LYS C 39 0.02 -27.55 -28.37
CA LYS C 39 -0.59 -26.70 -29.37
C LYS C 39 -0.22 -25.22 -29.23
N GLY C 40 0.25 -24.81 -28.04
CA GLY C 40 0.52 -23.40 -27.79
C GLY C 40 -0.66 -22.49 -28.05
N ASP C 41 -1.88 -22.98 -27.92
CA ASP C 41 -3.07 -22.17 -28.13
C ASP C 41 -3.59 -21.57 -26.82
N ALA C 42 -2.79 -21.62 -25.76
CA ALA C 42 -3.10 -21.03 -24.46
C ALA C 42 -1.76 -20.73 -23.77
N THR C 43 -1.82 -20.01 -22.64
CA THR C 43 -0.62 -19.52 -21.97
C THR C 43 0.05 -20.63 -21.18
N ASN C 44 1.16 -20.32 -20.52
CA ASN C 44 1.99 -21.33 -19.88
C ASN C 44 2.70 -20.72 -18.67
N PRO C 45 3.34 -21.54 -17.84
CA PRO C 45 3.99 -20.96 -16.64
C PRO C 45 5.03 -19.90 -16.94
N GLU C 46 5.83 -20.08 -18.00
CA GLU C 46 6.88 -19.10 -18.32
C GLU C 46 6.30 -17.75 -18.74
N GLN C 47 5.23 -17.76 -19.54
CA GLN C 47 4.56 -16.52 -19.91
C GLN C 47 3.94 -15.83 -18.71
N LEU C 48 3.31 -16.59 -17.82
CA LEU C 48 2.74 -16.00 -16.60
C LEU C 48 3.85 -15.31 -15.79
N PHE C 49 4.96 -16.01 -15.58
CA PHE C 49 6.09 -15.42 -14.86
C PHE C 49 6.61 -14.17 -15.56
N ALA C 50 6.82 -14.26 -16.88
CA ALA C 50 7.32 -13.12 -17.65
C ALA C 50 6.41 -11.92 -17.47
N ALA C 51 5.10 -12.15 -17.55
CA ALA C 51 4.15 -11.05 -17.43
C ALA C 51 4.23 -10.41 -16.05
N GLY C 52 4.19 -11.24 -15.01
CA GLY C 52 4.20 -10.71 -13.67
C GLY C 52 5.46 -9.92 -13.38
N TYR C 53 6.60 -10.44 -13.85
CA TYR C 53 7.86 -9.77 -13.56
C TYR C 53 8.08 -8.52 -14.41
N ALA C 54 7.67 -8.53 -15.67
CA ALA C 54 7.78 -7.29 -16.42
C ALA C 54 6.88 -6.20 -15.84
N ALA C 55 5.65 -6.57 -15.40
CA ALA C 55 4.75 -5.55 -14.88
C ALA C 55 5.25 -4.97 -13.55
N CYS C 56 5.64 -5.84 -12.62
CA CYS C 56 6.16 -5.37 -11.34
C CYS C 56 7.45 -4.59 -11.51
N PHE C 57 8.32 -5.01 -12.44
CA PHE C 57 9.54 -4.24 -12.65
C PHE C 57 9.23 -2.85 -13.21
N GLY C 58 8.32 -2.76 -14.18
CA GLY C 58 7.95 -1.46 -14.70
C GLY C 58 7.36 -0.58 -13.62
N ASN C 59 6.53 -1.16 -12.75
CA ASN C 59 5.98 -0.40 -11.63
C ASN C 59 7.09 0.12 -10.73
N ALA C 60 8.05 -0.73 -10.42
CA ALA C 60 9.14 -0.31 -9.57
C ALA C 60 9.98 0.77 -10.23
N VAL C 61 10.14 0.70 -11.57
CA VAL C 61 10.86 1.76 -12.27
C VAL C 61 10.13 3.09 -12.07
N ILE C 62 8.80 3.09 -12.24
CA ILE C 62 8.02 4.32 -12.04
C ILE C 62 8.24 4.85 -10.62
N HIS C 63 8.05 3.97 -9.64
CA HIS C 63 8.19 4.34 -8.24
C HIS C 63 9.57 4.94 -7.96
N VAL C 64 10.63 4.36 -8.52
CA VAL C 64 11.98 4.89 -8.30
C VAL C 64 12.17 6.25 -8.97
N THR C 65 11.71 6.38 -10.23
CA THR C 65 11.86 7.65 -10.92
C THR C 65 11.14 8.76 -10.15
N ARG C 66 9.94 8.46 -9.61
CA ARG C 66 9.17 9.52 -8.98
C ARG C 66 9.64 9.80 -7.56
N SER C 67 10.19 8.79 -6.89
CA SER C 67 10.80 9.05 -5.59
C SER C 67 12.12 9.79 -5.74
N ASN C 68 12.73 9.76 -6.93
CA ASN C 68 14.00 10.47 -7.12
C ASN C 68 13.85 11.98 -7.21
N LYS C 69 12.67 12.47 -7.60
CA LYS C 69 12.17 13.85 -7.50
C LYS C 69 12.49 14.71 -8.72
N GLU C 70 13.28 14.24 -9.67
CA GLU C 70 13.80 15.15 -10.67
C GLU C 70 12.75 15.24 -11.77
N TYR C 71 12.45 14.07 -12.34
CA TYR C 71 11.80 13.91 -13.63
C TYR C 71 10.29 13.84 -13.51
N LYS C 72 9.60 14.50 -14.43
CA LYS C 72 8.17 14.30 -14.65
C LYS C 72 8.02 13.09 -15.55
N ILE C 73 7.29 12.07 -15.09
CA ILE C 73 7.02 10.93 -15.95
C ILE C 73 5.56 10.55 -15.79
N ARG C 74 5.01 9.92 -16.83
CA ARG C 74 3.70 9.29 -16.70
C ARG C 74 3.87 7.79 -16.81
N ASP C 75 2.98 7.06 -16.12
CA ASP C 75 3.14 5.61 -16.00
C ASP C 75 3.39 4.97 -17.35
N ASN C 76 2.71 5.45 -18.39
CA ASN C 76 2.87 4.79 -19.68
C ASN C 76 4.19 5.13 -20.36
N ASP C 77 5.05 5.97 -19.76
CA ASP C 77 6.39 6.21 -20.30
C ASP C 77 7.37 5.07 -20.01
N VAL C 78 6.97 4.05 -19.25
CA VAL C 78 7.82 2.93 -18.87
C VAL C 78 7.31 1.66 -19.55
N GLU C 79 8.15 1.03 -20.37
CA GLU C 79 7.83 -0.27 -20.96
C GLU C 79 8.88 -1.29 -20.53
N VAL C 80 8.46 -2.48 -20.11
CA VAL C 80 9.40 -3.58 -19.82
C VAL C 80 8.99 -4.78 -20.65
N LEU C 81 9.93 -5.27 -21.46
CA LEU C 81 9.76 -6.47 -22.27
C LEU C 81 10.63 -7.54 -21.65
N SER C 82 9.99 -8.50 -20.99
CA SER C 82 10.73 -9.60 -20.37
C SER C 82 10.78 -10.76 -21.35
N THR C 83 11.95 -11.42 -21.42
CA THR C 83 12.13 -12.68 -22.13
C THR C 83 12.46 -13.76 -21.11
N VAL C 84 11.62 -14.79 -21.03
CA VAL C 84 11.80 -15.84 -20.05
C VAL C 84 11.97 -17.16 -20.78
N GLY C 85 13.05 -17.87 -20.47
CA GLY C 85 13.36 -19.12 -21.13
C GLY C 85 13.44 -20.25 -20.13
N ILE C 86 13.43 -21.49 -20.60
CA ILE C 86 13.57 -22.65 -19.74
C ILE C 86 14.64 -23.57 -20.34
N VAL C 87 15.55 -24.06 -19.48
CA VAL C 87 16.71 -24.84 -19.86
C VAL C 87 16.86 -25.99 -18.87
N ALA C 88 17.54 -27.05 -19.28
CA ALA C 88 17.81 -28.13 -18.33
C ALA C 88 19.08 -27.82 -17.57
N ASN C 89 19.02 -27.93 -16.25
CA ASN C 89 20.30 -28.05 -15.57
C ASN C 89 20.73 -29.51 -15.64
N GLY C 90 21.99 -29.75 -15.30
CA GLY C 90 22.54 -31.10 -15.45
C GLY C 90 22.36 -31.95 -14.21
N ASN C 91 21.15 -31.95 -13.62
CA ASN C 91 20.90 -32.59 -12.33
C ASN C 91 19.40 -32.77 -12.10
N GLY C 92 18.71 -33.33 -13.09
CA GLY C 92 17.37 -33.85 -12.91
C GLY C 92 16.26 -32.84 -13.06
N GLY C 93 16.58 -31.55 -13.06
CA GLY C 93 15.54 -30.55 -13.12
C GLY C 93 15.74 -29.58 -14.26
N PHE C 94 15.17 -28.39 -14.09
CA PHE C 94 15.20 -27.36 -15.10
C PHE C 94 15.36 -26.03 -14.39
N ALA C 95 15.85 -25.05 -15.12
CA ALA C 95 16.03 -23.69 -14.61
C ALA C 95 15.44 -22.69 -15.60
N LEU C 96 15.15 -21.50 -15.08
CA LEU C 96 14.65 -20.36 -15.83
C LEU C 96 15.78 -19.41 -16.18
N THR C 97 15.66 -18.76 -17.32
CA THR C 97 16.50 -17.63 -17.66
C THR C 97 15.60 -16.41 -17.87
N VAL C 98 16.13 -15.22 -17.56
CA VAL C 98 15.36 -13.98 -17.69
C VAL C 98 16.24 -12.91 -18.29
N HIS C 99 15.73 -12.20 -19.29
CA HIS C 99 16.29 -10.96 -19.78
C HIS C 99 15.20 -9.89 -19.77
N LEU C 100 15.55 -8.64 -19.45
CA LEU C 100 14.60 -7.53 -19.42
C LEU C 100 15.11 -6.43 -20.33
N ASP C 101 14.30 -6.03 -21.31
CA ASP C 101 14.50 -4.77 -22.02
C ASP C 101 13.61 -3.71 -21.38
N VAL C 102 14.21 -2.63 -20.91
CA VAL C 102 13.49 -1.57 -20.22
C VAL C 102 13.61 -0.29 -21.04
N THR C 103 12.48 0.26 -21.46
CA THR C 103 12.43 1.50 -22.22
C THR C 103 11.75 2.59 -21.40
N LEU C 104 12.43 3.73 -21.25
CA LEU C 104 11.89 4.91 -20.59
C LEU C 104 11.84 6.06 -21.59
N SER C 105 10.68 6.71 -21.71
CA SER C 105 10.52 7.88 -22.56
C SER C 105 10.77 9.16 -21.77
N GLY C 106 11.48 10.11 -22.38
CA GLY C 106 11.68 11.41 -21.76
C GLY C 106 12.72 11.43 -20.67
N ILE C 107 13.58 10.42 -20.59
CA ILE C 107 14.64 10.33 -19.60
C ILE C 107 15.92 10.10 -20.38
N SER C 108 17.03 10.68 -19.94
CA SER C 108 18.30 10.45 -20.64
C SER C 108 18.85 9.06 -20.33
N GLN C 109 19.67 8.56 -21.26
CA GLN C 109 20.21 7.20 -21.16
C GLN C 109 20.95 6.97 -19.84
N ALA C 110 21.80 7.91 -19.44
CA ALA C 110 22.59 7.70 -18.22
C ALA C 110 21.69 7.67 -16.98
N ASP C 111 20.76 8.61 -16.88
CA ASP C 111 19.84 8.62 -15.75
C ASP C 111 18.98 7.36 -15.73
N ALA C 112 18.55 6.91 -16.91
CA ALA C 112 17.71 5.73 -16.99
C ALA C 112 18.47 4.49 -16.53
N GLU C 113 19.75 4.39 -16.89
CA GLU C 113 20.58 3.26 -16.44
C GLU C 113 20.76 3.24 -14.92
N LYS C 114 21.03 4.41 -14.33
CA LYS C 114 21.00 4.50 -12.86
C LYS C 114 19.66 4.07 -12.27
N ILE C 115 18.55 4.56 -12.85
CA ILE C 115 17.23 4.23 -12.30
C ILE C 115 16.98 2.73 -12.33
N VAL C 116 17.30 2.08 -13.46
CA VAL C 116 17.05 0.65 -13.61
C VAL C 116 17.90 -0.14 -12.62
N GLU C 117 19.14 0.30 -12.39
CA GLU C 117 19.97 -0.34 -11.37
C GLU C 117 19.34 -0.23 -9.98
N GLN C 118 18.88 0.98 -9.60
CA GLN C 118 18.18 1.10 -8.32
C GLN C 118 16.96 0.19 -8.28
N THR C 119 16.27 0.05 -9.41
CA THR C 119 15.01 -0.69 -9.43
C THR C 119 15.24 -2.15 -9.07
N HIS C 120 16.38 -2.71 -9.49
CA HIS C 120 16.61 -4.11 -9.14
C HIS C 120 16.57 -4.38 -7.63
N GLN C 121 16.80 -3.35 -6.81
CA GLN C 121 16.68 -3.47 -5.36
C GLN C 121 15.23 -3.36 -4.86
N VAL C 122 14.39 -2.64 -5.57
CA VAL C 122 13.02 -2.43 -5.12
C VAL C 122 12.12 -3.60 -5.47
N CYS C 123 12.26 -4.09 -6.71
CA CYS C 123 11.31 -5.03 -7.28
C CYS C 123 11.35 -6.35 -6.53
N PRO C 124 10.23 -6.82 -5.98
CA PRO C 124 10.27 -8.09 -5.23
C PRO C 124 10.66 -9.31 -6.08
N TYR C 125 10.47 -9.26 -7.40
CA TYR C 125 10.83 -10.42 -8.23
C TYR C 125 12.34 -10.51 -8.41
N SER C 126 12.99 -9.36 -8.66
CA SER C 126 14.44 -9.30 -8.72
C SER C 126 15.06 -9.78 -7.41
N ASN C 127 14.50 -9.34 -6.28
CA ASN C 127 14.97 -9.79 -4.97
C ASN C 127 14.75 -11.29 -4.79
N ALA C 128 13.60 -11.80 -5.26
CA ALA C 128 13.29 -13.23 -5.11
C ALA C 128 14.30 -14.12 -5.85
N ILE C 129 14.75 -13.72 -7.04
CA ILE C 129 15.56 -14.65 -7.84
C ILE C 129 17.07 -14.37 -7.78
N ARG C 130 17.51 -13.33 -7.05
CA ARG C 130 18.92 -12.97 -6.99
C ARG C 130 19.81 -14.17 -6.62
N GLY C 131 20.88 -14.38 -7.39
CA GLY C 131 21.82 -15.48 -7.14
C GLY C 131 21.45 -16.82 -7.77
N ASN C 132 20.18 -17.04 -8.09
CA ASN C 132 19.73 -18.27 -8.71
C ASN C 132 19.59 -18.10 -10.21
N ILE C 133 18.85 -17.07 -10.60
CA ILE C 133 18.76 -16.63 -11.99
C ILE C 133 19.60 -15.36 -12.13
N GLN C 134 20.50 -15.35 -13.09
CA GLN C 134 21.33 -14.19 -13.42
C GLN C 134 20.63 -13.35 -14.48
N VAL C 135 19.88 -12.37 -14.01
CA VAL C 135 19.08 -11.54 -14.90
C VAL C 135 19.97 -10.59 -15.71
N SER C 136 19.72 -10.52 -17.00
CA SER C 136 20.38 -9.55 -17.86
C SER C 136 19.38 -8.44 -18.18
N THR C 137 19.90 -7.21 -18.35
CA THR C 137 19.08 -6.03 -18.59
C THR C 137 19.71 -5.16 -19.68
N THR C 138 18.88 -4.70 -20.60
CA THR C 138 19.26 -3.66 -21.55
C THR C 138 18.28 -2.49 -21.45
N VAL C 139 18.84 -1.28 -21.39
CA VAL C 139 18.08 -0.07 -21.10
C VAL C 139 18.01 0.77 -22.36
N TYR C 140 16.80 1.15 -22.77
CA TYR C 140 16.59 2.01 -23.93
C TYR C 140 15.89 3.30 -23.52
N THR C 141 16.16 4.38 -24.25
CA THR C 141 15.53 5.67 -24.00
C THR C 141 15.08 6.22 -25.35
N LYS C 142 13.80 6.49 -25.43
CA LYS C 142 13.09 6.63 -26.68
C LYS C 142 13.02 8.09 -27.02
N MET D 1 23.33 -26.95 -21.95
CA MET D 1 21.93 -27.16 -22.30
C MET D 1 21.24 -25.92 -22.86
N SER D 2 20.91 -25.97 -24.15
CA SER D 2 20.28 -24.85 -24.84
C SER D 2 18.89 -24.57 -24.27
N THR D 3 18.32 -23.46 -24.72
CA THR D 3 17.00 -23.01 -24.33
C THR D 3 15.92 -23.85 -25.01
N LEU D 4 15.07 -24.49 -24.22
CA LEU D 4 14.07 -25.39 -24.78
C LEU D 4 12.83 -24.61 -25.24
N TYR D 5 12.51 -23.52 -24.56
CA TYR D 5 11.37 -22.68 -24.89
C TYR D 5 11.61 -21.28 -24.35
N SER D 6 11.18 -20.29 -25.12
CA SER D 6 11.44 -18.90 -24.83
C SER D 6 10.19 -18.10 -25.18
N THR D 7 9.84 -17.12 -24.33
CA THR D 7 8.64 -16.31 -24.52
C THR D 7 8.90 -14.89 -24.03
N GLN D 8 8.28 -13.92 -24.70
CA GLN D 8 8.42 -12.49 -24.41
C GLN D 8 7.06 -11.89 -24.07
N VAL D 9 7.01 -11.04 -23.04
CA VAL D 9 5.81 -10.32 -22.63
C VAL D 9 6.16 -8.85 -22.51
N LYS D 10 5.36 -8.01 -23.15
CA LYS D 10 5.51 -6.56 -23.03
C LYS D 10 4.56 -6.04 -21.96
N ALA D 11 5.09 -5.30 -21.00
CA ALA D 11 4.30 -4.67 -19.94
C ALA D 11 4.46 -3.16 -20.01
N VAL D 12 3.35 -2.44 -20.19
CA VAL D 12 3.38 -0.98 -20.25
C VAL D 12 2.69 -0.41 -19.03
N GLY D 13 3.37 0.51 -18.33
CA GLY D 13 2.69 1.32 -17.33
C GLY D 13 2.51 0.73 -15.95
N GLY D 14 3.17 -0.39 -15.63
CA GLY D 14 3.21 -0.83 -14.24
C GLY D 14 1.94 -1.53 -13.80
N ARG D 15 1.62 -1.41 -12.50
CA ARG D 15 0.56 -2.23 -11.90
C ARG D 15 -0.83 -1.80 -12.32
N SER D 16 -0.96 -0.67 -13.00
CA SER D 16 -2.22 -0.17 -13.54
C SER D 16 -2.24 -0.17 -15.06
N GLY D 17 -1.24 -0.77 -15.71
CA GLY D 17 -1.11 -0.76 -17.16
C GLY D 17 -1.57 -2.08 -17.76
N THR D 18 -0.78 -2.59 -18.71
CA THR D 18 -1.19 -3.77 -19.46
C THR D 18 -0.02 -4.72 -19.63
N ILE D 19 -0.36 -5.98 -19.94
CA ILE D 19 0.61 -6.99 -20.37
C ILE D 19 0.10 -7.63 -21.66
N ARG D 20 1.05 -7.97 -22.54
CA ARG D 20 0.72 -8.60 -23.81
C ARG D 20 1.89 -9.48 -24.23
N SER D 21 1.66 -10.79 -24.30
CA SER D 21 2.68 -11.69 -24.85
C SER D 21 2.86 -11.40 -26.33
N GLU D 22 4.08 -11.63 -26.81
CA GLU D 22 4.38 -11.28 -28.19
C GLU D 22 3.66 -12.19 -29.19
N ASP D 23 3.25 -13.38 -28.76
CA ASP D 23 2.42 -14.23 -29.60
C ASP D 23 0.93 -13.88 -29.50
N GLY D 24 0.54 -12.90 -28.68
CA GLY D 24 -0.86 -12.52 -28.55
C GLY D 24 -1.73 -13.44 -27.71
N ILE D 25 -1.17 -14.53 -27.18
CA ILE D 25 -1.97 -15.48 -26.38
C ILE D 25 -2.38 -14.86 -25.04
N LEU D 26 -1.43 -14.26 -24.33
CA LEU D 26 -1.72 -13.61 -23.06
C LEU D 26 -1.81 -12.10 -23.28
N GLU D 27 -3.01 -11.55 -23.07
CA GLU D 27 -3.23 -10.11 -23.24
C GLU D 27 -4.23 -9.68 -22.18
N LEU D 28 -3.78 -8.88 -21.21
CA LEU D 28 -4.60 -8.58 -20.06
C LEU D 28 -4.33 -7.17 -19.54
N LYS D 29 -5.39 -6.58 -18.97
CA LYS D 29 -5.31 -5.37 -18.17
C LYS D 29 -4.88 -5.72 -16.74
N LEU D 30 -4.23 -4.77 -16.08
CA LEU D 30 -3.83 -4.92 -14.68
C LEU D 30 -4.49 -3.83 -13.84
N ALA D 31 -4.77 -4.17 -12.59
CA ALA D 31 -5.33 -3.23 -11.63
C ALA D 31 -4.68 -3.42 -10.27
N LEU D 32 -4.51 -2.32 -9.55
CA LEU D 32 -4.26 -2.42 -8.12
C LEU D 32 -5.41 -3.19 -7.47
N PRO D 33 -5.13 -4.08 -6.53
CA PRO D 33 -6.23 -4.76 -5.84
C PRO D 33 -6.93 -3.83 -4.86
N LYS D 34 -8.12 -4.27 -4.44
CA LYS D 34 -8.97 -3.50 -3.54
C LYS D 34 -8.22 -3.19 -2.25
N GLU D 35 -7.54 -4.19 -1.68
CA GLU D 35 -6.79 -3.96 -0.44
C GLU D 35 -5.80 -2.81 -0.56
N LEU D 36 -5.39 -2.45 -1.77
CA LEU D 36 -4.47 -1.33 -1.98
C LEU D 36 -5.15 -0.13 -2.61
N GLY D 37 -6.47 -0.10 -2.57
CA GLY D 37 -7.22 1.05 -3.02
C GLY D 37 -7.66 1.02 -4.46
N GLY D 38 -7.25 0.02 -5.23
CA GLY D 38 -7.69 -0.10 -6.58
C GLY D 38 -9.07 -0.71 -6.65
N LYS D 39 -9.55 -0.88 -7.89
CA LYS D 39 -10.86 -1.50 -8.04
C LYS D 39 -10.79 -3.03 -8.15
N GLY D 40 -9.59 -3.60 -8.29
CA GLY D 40 -9.46 -5.05 -8.47
C GLY D 40 -10.37 -5.62 -9.53
N ASP D 41 -10.56 -4.90 -10.63
CA ASP D 41 -11.32 -5.40 -11.76
C ASP D 41 -10.45 -6.22 -12.70
N ALA D 42 -9.15 -6.33 -12.41
CA ALA D 42 -8.18 -6.97 -13.27
C ALA D 42 -7.08 -7.58 -12.40
N THR D 43 -6.23 -8.42 -13.03
CA THR D 43 -5.23 -9.19 -12.31
C THR D 43 -4.04 -8.31 -11.90
N ASN D 44 -3.00 -8.92 -11.34
CA ASN D 44 -1.87 -8.19 -10.79
C ASN D 44 -0.65 -9.11 -10.75
N PRO D 45 0.56 -8.57 -10.51
CA PRO D 45 1.78 -9.41 -10.63
C PRO D 45 1.83 -10.59 -9.69
N GLU D 46 1.25 -10.44 -8.49
CA GLU D 46 1.22 -11.52 -7.51
C GLU D 46 0.32 -12.66 -7.98
N GLN D 47 -0.84 -12.34 -8.55
CA GLN D 47 -1.71 -13.38 -9.10
C GLN D 47 -1.01 -14.13 -10.24
N LEU D 48 -0.43 -13.38 -11.18
CA LEU D 48 0.36 -13.97 -12.27
C LEU D 48 1.45 -14.90 -11.76
N PHE D 49 2.28 -14.41 -10.83
CA PHE D 49 3.34 -15.28 -10.31
C PHE D 49 2.75 -16.51 -9.61
N ALA D 50 1.73 -16.32 -8.76
CA ALA D 50 1.08 -17.45 -8.09
C ALA D 50 0.60 -18.49 -9.09
N ALA D 51 0.04 -18.06 -10.21
CA ALA D 51 -0.48 -19.01 -11.20
C ALA D 51 0.66 -19.77 -11.89
N GLY D 52 1.66 -19.04 -12.38
CA GLY D 52 2.77 -19.72 -13.04
C GLY D 52 3.40 -20.75 -12.12
N TYR D 53 3.58 -20.40 -10.85
CA TYR D 53 4.25 -21.34 -9.95
C TYR D 53 3.36 -22.47 -9.47
N ALA D 54 2.09 -22.22 -9.18
CA ALA D 54 1.18 -23.33 -8.89
C ALA D 54 1.14 -24.35 -10.04
N ALA D 55 1.06 -23.84 -11.28
CA ALA D 55 0.93 -24.75 -12.43
C ALA D 55 2.22 -25.50 -12.71
N CYS D 56 3.37 -24.84 -12.64
CA CYS D 56 4.61 -25.54 -12.92
C CYS D 56 4.91 -26.56 -11.83
N PHE D 57 4.60 -26.23 -10.57
CA PHE D 57 4.81 -27.18 -9.49
C PHE D 57 3.90 -28.39 -9.63
N GLY D 58 2.62 -28.17 -9.94
CA GLY D 58 1.73 -29.29 -10.17
C GLY D 58 2.20 -30.16 -11.32
N ASN D 59 2.70 -29.53 -12.40
CA ASN D 59 3.22 -30.31 -13.51
C ASN D 59 4.36 -31.20 -13.07
N ALA D 60 5.32 -30.62 -12.31
CA ALA D 60 6.47 -31.41 -11.91
C ALA D 60 6.08 -32.47 -10.89
N VAL D 61 5.05 -32.23 -10.09
CA VAL D 61 4.54 -33.27 -9.22
C VAL D 61 4.01 -34.44 -10.05
N ILE D 62 3.31 -34.14 -11.14
CA ILE D 62 2.87 -35.19 -12.06
C ILE D 62 4.08 -35.95 -12.63
N HIS D 63 5.10 -35.22 -13.04
CA HIS D 63 6.30 -35.83 -13.64
C HIS D 63 7.01 -36.75 -12.65
N VAL D 64 7.13 -36.33 -11.40
CA VAL D 64 7.84 -37.11 -10.39
C VAL D 64 7.03 -38.34 -9.99
N THR D 65 5.71 -38.18 -9.84
CA THR D 65 4.85 -39.31 -9.53
C THR D 65 4.91 -40.37 -10.63
N ARG D 66 4.60 -39.97 -11.86
CA ARG D 66 4.85 -40.84 -13.00
C ARG D 66 6.36 -41.07 -13.14
N SER D 67 6.71 -41.92 -14.09
CA SER D 67 8.10 -42.38 -14.24
C SER D 67 8.73 -42.80 -12.91
N ASN D 68 7.89 -43.13 -11.91
CA ASN D 68 8.30 -43.97 -10.77
C ASN D 68 7.60 -45.33 -10.74
N LYS D 69 6.40 -45.47 -11.32
CA LYS D 69 5.73 -46.74 -11.60
C LYS D 69 5.02 -47.34 -10.39
N GLU D 70 5.36 -46.92 -9.15
CA GLU D 70 4.40 -46.92 -8.05
C GLU D 70 2.94 -46.65 -8.45
N TYR D 71 2.63 -45.51 -9.04
CA TYR D 71 1.20 -45.19 -9.10
C TYR D 71 0.70 -44.90 -10.51
N LYS D 72 -0.61 -44.67 -10.55
CA LYS D 72 -1.45 -44.68 -11.74
C LYS D 72 -2.31 -43.41 -11.75
N ILE D 73 -1.69 -42.28 -12.09
CA ILE D 73 -2.26 -40.97 -11.78
C ILE D 73 -2.55 -40.20 -13.07
N ARG D 74 -3.67 -39.48 -13.08
CA ARG D 74 -4.08 -38.72 -14.25
C ARG D 74 -3.86 -37.26 -13.92
N ASP D 75 -3.70 -36.44 -14.96
CA ASP D 75 -3.38 -35.02 -14.77
C ASP D 75 -4.24 -34.34 -13.72
N ASN D 76 -5.57 -34.47 -13.77
CA ASN D 76 -6.38 -33.67 -12.86
C ASN D 76 -6.41 -34.20 -11.43
N ASP D 77 -5.68 -35.26 -11.11
CA ASP D 77 -5.66 -35.62 -9.70
C ASP D 77 -4.77 -34.71 -8.86
N VAL D 78 -3.94 -33.89 -9.49
CA VAL D 78 -2.97 -33.02 -8.81
C VAL D 78 -3.51 -31.60 -8.79
N GLU D 79 -3.71 -31.02 -7.60
CA GLU D 79 -3.96 -29.59 -7.47
C GLU D 79 -2.87 -28.91 -6.66
N VAL D 80 -2.59 -27.66 -7.01
CA VAL D 80 -1.70 -26.80 -6.23
C VAL D 80 -2.41 -25.47 -6.00
N LEU D 81 -2.62 -25.13 -4.75
CA LEU D 81 -3.19 -23.86 -4.37
C LEU D 81 -2.03 -22.98 -3.91
N SER D 82 -1.72 -21.97 -4.70
N SER D 82 -1.71 -21.97 -4.70
CA SER D 82 -0.63 -21.06 -4.40
CA SER D 82 -0.61 -21.06 -4.40
C SER D 82 -1.16 -19.81 -3.69
C SER D 82 -1.16 -19.82 -3.68
N THR D 83 -0.61 -19.52 -2.51
CA THR D 83 -0.82 -18.24 -1.84
C THR D 83 0.45 -17.40 -1.95
N VAL D 84 0.35 -16.23 -2.58
CA VAL D 84 1.48 -15.33 -2.76
C VAL D 84 1.13 -13.98 -2.13
N GLY D 85 2.00 -13.50 -1.27
CA GLY D 85 1.82 -12.19 -0.68
C GLY D 85 2.99 -11.26 -0.92
N ILE D 86 2.75 -9.95 -0.80
CA ILE D 86 3.78 -8.93 -0.96
C ILE D 86 3.88 -8.15 0.35
N VAL D 87 5.10 -8.00 0.84
CA VAL D 87 5.37 -7.38 2.13
C VAL D 87 6.57 -6.45 1.97
N ALA D 88 6.60 -5.35 2.72
CA ALA D 88 7.80 -4.52 2.70
C ALA D 88 8.96 -5.27 3.34
N ASN D 89 10.13 -5.24 2.68
CA ASN D 89 11.33 -5.74 3.33
C ASN D 89 11.89 -4.59 4.17
N GLY D 90 12.86 -4.89 5.02
CA GLY D 90 13.25 -3.78 5.87
C GLY D 90 14.04 -2.67 5.20
N ASN D 91 14.20 -2.74 3.87
CA ASN D 91 15.40 -2.24 3.19
C ASN D 91 15.07 -1.41 1.94
N GLY D 92 13.94 -0.69 1.93
CA GLY D 92 13.61 0.15 0.79
C GLY D 92 12.90 -0.55 -0.34
N GLY D 93 12.58 -1.83 -0.18
CA GLY D 93 11.86 -2.54 -1.21
C GLY D 93 10.85 -3.50 -0.65
N PHE D 94 10.46 -4.46 -1.48
CA PHE D 94 9.41 -5.38 -1.11
C PHE D 94 9.90 -6.80 -1.38
N ALA D 95 9.24 -7.75 -0.70
CA ALA D 95 9.55 -9.17 -0.80
C ALA D 95 8.27 -9.96 -0.99
N LEU D 96 8.40 -11.10 -1.65
CA LEU D 96 7.29 -12.01 -1.83
C LEU D 96 7.33 -13.07 -0.74
N THR D 97 6.16 -13.49 -0.29
CA THR D 97 5.97 -14.72 0.50
C THR D 97 5.17 -15.70 -0.34
N VAL D 98 5.47 -16.99 -0.19
CA VAL D 98 4.86 -18.07 -0.99
C VAL D 98 4.49 -19.23 -0.07
N HIS D 99 3.22 -19.63 -0.10
CA HIS D 99 2.76 -20.89 0.49
C HIS D 99 2.11 -21.77 -0.58
N LEU D 100 2.38 -23.08 -0.54
CA LEU D 100 1.80 -24.06 -1.46
C LEU D 100 0.99 -25.11 -0.69
N ASP D 101 -0.26 -25.30 -1.09
CA ASP D 101 -1.10 -26.42 -0.64
C ASP D 101 -1.18 -27.39 -1.80
N VAL D 102 -0.62 -28.59 -1.63
CA VAL D 102 -0.58 -29.58 -2.70
C VAL D 102 -1.53 -30.72 -2.33
N THR D 103 -2.44 -31.07 -3.23
CA THR D 103 -3.37 -32.17 -3.03
C THR D 103 -3.22 -33.20 -4.13
N LEU D 104 -2.96 -34.44 -3.73
CA LEU D 104 -2.82 -35.57 -4.66
C LEU D 104 -3.92 -36.59 -4.39
N SER D 105 -4.72 -36.91 -5.41
CA SER D 105 -5.78 -37.89 -5.29
C SER D 105 -5.24 -39.29 -5.58
N GLY D 106 -5.51 -40.21 -4.68
CA GLY D 106 -5.23 -41.60 -4.96
C GLY D 106 -3.81 -42.07 -4.76
N ILE D 107 -3.03 -41.40 -3.93
CA ILE D 107 -1.76 -41.98 -3.48
C ILE D 107 -1.66 -41.80 -1.97
N SER D 108 -0.78 -42.60 -1.37
CA SER D 108 -0.69 -42.60 0.09
C SER D 108 -0.03 -41.31 0.58
N GLN D 109 -0.54 -40.75 1.66
CA GLN D 109 -0.11 -39.52 2.32
C GLN D 109 1.40 -39.43 2.52
N ALA D 110 2.02 -40.53 2.91
CA ALA D 110 3.48 -40.52 3.06
C ALA D 110 4.17 -40.44 1.70
N ASP D 111 3.69 -41.23 0.74
CA ASP D 111 4.29 -41.19 -0.59
C ASP D 111 4.16 -39.80 -1.20
N ALA D 112 3.00 -39.16 -1.04
CA ALA D 112 2.82 -37.80 -1.51
C ALA D 112 3.83 -36.86 -0.88
N GLU D 113 4.04 -36.99 0.44
CA GLU D 113 5.05 -36.14 1.08
C GLU D 113 6.44 -36.32 0.44
N LYS D 114 6.84 -37.57 0.19
CA LYS D 114 8.16 -37.78 -0.43
C LYS D 114 8.21 -37.24 -1.86
N ILE D 115 7.12 -37.41 -2.63
CA ILE D 115 7.03 -36.85 -3.98
C ILE D 115 7.19 -35.33 -3.98
N VAL D 116 6.47 -34.65 -3.09
CA VAL D 116 6.54 -33.19 -3.06
C VAL D 116 7.94 -32.72 -2.66
N GLU D 117 8.59 -33.44 -1.72
CA GLU D 117 9.95 -33.06 -1.36
C GLU D 117 10.90 -33.25 -2.54
N GLN D 118 10.71 -34.29 -3.35
CA GLN D 118 11.52 -34.42 -4.57
C GLN D 118 11.21 -33.32 -5.57
N THR D 119 9.93 -32.91 -5.66
CA THR D 119 9.53 -31.94 -6.67
C THR D 119 10.15 -30.58 -6.38
N HIS D 120 10.25 -30.22 -5.09
CA HIS D 120 10.89 -28.96 -4.72
C HIS D 120 12.29 -28.83 -5.28
N GLN D 121 12.96 -29.95 -5.58
CA GLN D 121 14.27 -29.90 -6.19
C GLN D 121 14.22 -29.87 -7.72
N VAL D 122 13.06 -30.10 -8.32
CA VAL D 122 12.91 -30.18 -9.77
C VAL D 122 12.29 -28.93 -10.36
N CYS D 123 11.30 -28.38 -9.68
CA CYS D 123 10.52 -27.27 -10.19
C CYS D 123 11.42 -26.06 -10.37
N PRO D 124 11.54 -25.51 -11.58
CA PRO D 124 12.48 -24.40 -11.78
C PRO D 124 12.13 -23.15 -11.00
N TYR D 125 10.87 -23.00 -10.60
CA TYR D 125 10.46 -21.86 -9.80
C TYR D 125 10.95 -21.97 -8.35
N SER D 126 10.76 -23.15 -7.74
CA SER D 126 11.36 -23.39 -6.43
C SER D 126 12.87 -23.12 -6.46
N ASN D 127 13.57 -23.67 -7.44
CA ASN D 127 15.00 -23.43 -7.53
C ASN D 127 15.31 -21.96 -7.78
N ALA D 128 14.42 -21.27 -8.50
CA ALA D 128 14.63 -19.85 -8.79
C ALA D 128 14.61 -19.00 -7.53
N ILE D 129 13.84 -19.39 -6.51
CA ILE D 129 13.65 -18.51 -5.35
C ILE D 129 14.32 -19.01 -4.07
N ARG D 130 14.95 -20.18 -4.09
CA ARG D 130 15.54 -20.77 -2.89
C ARG D 130 16.72 -19.92 -2.38
N GLY D 131 16.71 -19.66 -1.07
CA GLY D 131 17.68 -18.81 -0.42
C GLY D 131 17.28 -17.36 -0.28
N ASN D 132 16.26 -16.92 -1.03
CA ASN D 132 15.68 -15.60 -0.91
C ASN D 132 14.30 -15.65 -0.29
N ILE D 133 13.49 -16.62 -0.72
CA ILE D 133 12.16 -16.85 -0.18
C ILE D 133 12.13 -18.24 0.42
N GLN D 134 11.61 -18.33 1.63
CA GLN D 134 11.41 -19.59 2.32
C GLN D 134 9.99 -20.07 2.05
N VAL D 135 9.83 -20.89 1.01
CA VAL D 135 8.53 -21.45 0.66
C VAL D 135 8.10 -22.42 1.76
N SER D 136 6.86 -22.29 2.20
CA SER D 136 6.25 -23.29 3.05
C SER D 136 5.30 -24.13 2.20
N THR D 137 5.10 -25.38 2.65
CA THR D 137 4.31 -26.38 1.91
C THR D 137 3.50 -27.22 2.89
N THR D 138 2.20 -27.35 2.61
CA THR D 138 1.31 -28.30 3.26
C THR D 138 0.81 -29.27 2.20
N VAL D 139 0.82 -30.58 2.52
CA VAL D 139 0.45 -31.63 1.58
C VAL D 139 -0.85 -32.30 2.05
N TYR D 140 -1.80 -32.49 1.12
CA TYR D 140 -3.05 -33.19 1.36
C TYR D 140 -3.20 -34.37 0.39
N THR D 141 -3.83 -35.45 0.86
CA THR D 141 -4.17 -36.59 0.00
C THR D 141 -5.66 -36.91 0.16
N LYS D 142 -6.39 -36.86 -0.95
CA LYS D 142 -7.81 -37.19 -0.97
C LYS D 142 -8.01 -38.69 -0.97
N1 A1EEB E . -12.49 21.38 23.81
C1 A1EEB E . -11.38 21.75 23.14
C2 A1EEB E . -12.28 23.78 24.03
C3 A1EEB E . -12.41 25.16 24.19
C4 A1EEB E . -11.59 25.95 23.41
C5 A1EEB E . -10.67 25.44 22.52
C6 A1EEB E . -10.55 24.06 22.38
C7 A1EEB E . -11.36 23.25 23.14
O1 A1EEB E . -10.56 21.03 22.65
F1 A1EEB E . -11.68 27.29 23.53
S1 A1EEB E . -13.17 22.55 24.86
N1 A1EEB F . -4.36 8.62 -1.19
C1 A1EEB F . -3.70 8.79 -0.04
C2 A1EEB F . -2.97 6.68 -0.89
C3 A1EEB F . -2.33 5.44 -0.84
C4 A1EEB F . -1.73 5.10 0.35
C5 A1EEB F . -1.72 5.90 1.47
C6 A1EEB F . -2.37 7.14 1.41
C7 A1EEB F . -2.98 7.52 0.23
O1 A1EEB F . -3.69 9.78 0.65
F1 A1EEB F . -1.11 3.90 0.43
S1 A1EEB F . -3.80 7.38 -2.23
N1 A1EEB G . 7.86 -30.06 -14.11
C1 A1EEB G . 8.30 -28.96 -14.74
C2 A1EEB G . 8.55 -30.72 -16.33
C3 A1EEB G . 8.77 -31.28 -17.60
C4 A1EEB G . 8.99 -30.39 -18.62
C5 A1EEB G . 9.00 -29.03 -18.47
C6 A1EEB G . 8.79 -28.49 -17.22
C7 A1EEB G . 8.56 -29.34 -16.15
O1 A1EEB G . 8.46 -27.87 -14.25
F1 A1EEB G . 9.21 -30.91 -19.86
S1 A1EEB G . 8.25 -31.56 -14.85
#